data_3JW4
#
_entry.id   3JW4
#
_cell.length_a   105.115
_cell.length_b   53.295
_cell.length_c   90.821
_cell.angle_alpha   90.000
_cell.angle_beta   112.020
_cell.angle_gamma   90.000
#
_symmetry.space_group_name_H-M   'C 1 2 1'
#
loop_
_entity.id
_entity.type
_entity.pdbx_description
1 polymer 'Transcriptional regulator, MarR/EmrR family'
2 non-polymer 'POTASSIUM ION'
3 non-polymer GLYCEROL
4 non-polymer IMIDAZOLE
5 water water
#
_entity_poly.entity_id   1
_entity_poly.type   'polypeptide(L)'
_entity_poly.pdbx_seq_one_letter_code
;SNA(MSE)KESNHL(MSE)DTPYSYLIRSIG(MSE)KLKTSADARLAELGLNSQQGR(MSE)IGYIYENQESGIIQKDLA
QFFGRRGASITS(MSE)LQGLEKKGYIERRIPENNARQKNIYVLPKGAALVEEFNNIFLEVEESITKGLTKDEQKQL
(MSE)SILIKVNRS(MSE)
;
_entity_poly.pdbx_strand_id   A,B,C
#
loop_
_chem_comp.id
_chem_comp.type
_chem_comp.name
_chem_comp.formula
GOL non-polymer GLYCEROL 'C3 H8 O3'
IMD non-polymer IMIDAZOLE 'C3 H5 N2 1'
K non-polymer 'POTASSIUM ION' 'K 1'
#
# COMPACT_ATOMS: atom_id res chain seq x y z
N ASP A 12 3.40 -22.86 4.08
CA ASP A 12 2.54 -22.65 5.29
C ASP A 12 2.31 -21.17 5.71
N THR A 13 2.89 -20.21 4.98
CA THR A 13 2.56 -18.80 5.17
C THR A 13 2.21 -18.19 3.82
N PRO A 14 1.16 -18.72 3.17
CA PRO A 14 0.82 -18.34 1.80
C PRO A 14 0.39 -16.88 1.59
N TYR A 15 -0.37 -16.29 2.51
CA TYR A 15 -0.71 -14.86 2.37
C TYR A 15 0.57 -14.00 2.40
N SER A 16 1.46 -14.20 3.37
CA SER A 16 2.71 -13.43 3.41
C SER A 16 3.53 -13.64 2.17
N TYR A 17 3.61 -14.87 1.70
CA TYR A 17 4.34 -15.15 0.48
C TYR A 17 3.76 -14.40 -0.72
N LEU A 18 2.46 -14.44 -0.88
CA LEU A 18 1.83 -13.74 -2.02
C LEU A 18 1.99 -12.21 -1.93
N ILE A 19 1.86 -11.66 -0.73
CA ILE A 19 2.02 -10.22 -0.53
C ILE A 19 3.46 -9.78 -0.84
N ARG A 20 4.44 -10.54 -0.38
CA ARG A 20 5.86 -10.20 -0.66
C ARG A 20 6.18 -10.27 -2.15
N SER A 21 5.68 -11.31 -2.80
CA SER A 21 6.01 -11.60 -4.17
C SER A 21 5.37 -10.57 -5.10
N ILE A 22 4.09 -10.27 -4.87
CA ILE A 22 3.45 -9.22 -5.64
C ILE A 22 4.14 -7.89 -5.38
N GLY A 23 4.41 -7.59 -4.12
CA GLY A 23 5.11 -6.35 -3.75
C GLY A 23 6.40 -6.18 -4.52
N MSE A 24 7.17 -7.29 -4.62
CA MSE A 24 8.43 -7.30 -5.39
CA MSE A 24 8.44 -7.27 -5.39
C MSE A 24 8.19 -7.10 -6.88
O MSE A 24 8.90 -6.35 -7.54
CB MSE A 24 9.19 -8.61 -5.15
CB MSE A 24 9.29 -8.52 -5.13
CG MSE A 24 9.91 -8.65 -3.81
CG MSE A 24 10.28 -8.38 -3.97
SE MSE A 24 10.80 -10.34 -3.40
SE MSE A 24 11.84 -7.20 -4.29
CE MSE A 24 11.83 -9.76 -1.85
CE MSE A 24 12.75 -8.22 -5.68
N LYS A 25 7.16 -7.73 -7.43
CA LYS A 25 6.85 -7.52 -8.84
C LYS A 25 6.39 -6.10 -9.18
N LEU A 26 5.95 -5.31 -8.19
CA LEU A 26 5.50 -3.93 -8.49
C LEU A 26 6.65 -3.05 -8.98
N LYS A 27 7.88 -3.53 -8.80
CA LYS A 27 9.09 -2.74 -9.09
C LYS A 27 9.80 -3.10 -10.39
N THR A 28 9.34 -4.16 -11.08
CA THR A 28 10.13 -4.74 -12.17
C THR A 28 10.26 -3.75 -13.33
N SER A 29 9.12 -3.21 -13.78
CA SER A 29 9.10 -2.26 -14.87
C SER A 29 9.96 -1.03 -14.57
N ALA A 30 9.93 -0.53 -13.32
CA ALA A 30 10.73 0.66 -13.02
C ALA A 30 12.25 0.38 -13.04
N ASP A 31 12.63 -0.76 -12.49
CA ASP A 31 14.04 -1.16 -12.50
C ASP A 31 14.59 -1.34 -13.92
N ALA A 32 13.80 -1.93 -14.81
CA ALA A 32 14.21 -2.10 -16.21
C ALA A 32 14.42 -0.75 -16.89
N ARG A 33 13.52 0.21 -16.66
CA ARG A 33 13.70 1.54 -17.29
C ARG A 33 14.94 2.24 -16.77
N LEU A 34 15.17 2.17 -15.46
CA LEU A 34 16.37 2.75 -14.88
C LEU A 34 17.59 2.19 -15.60
N ALA A 35 17.63 0.87 -15.76
CA ALA A 35 18.75 0.21 -16.42
C ALA A 35 18.92 0.69 -17.87
N GLU A 36 17.84 0.76 -18.64
CA GLU A 36 17.90 1.25 -20.04
C GLU A 36 18.47 2.67 -20.13
N LEU A 37 18.14 3.49 -19.14
CA LEU A 37 18.62 4.87 -19.07
C LEU A 37 20.03 4.99 -18.47
N GLY A 38 20.64 3.88 -18.07
CA GLY A 38 21.95 3.91 -17.40
C GLY A 38 21.97 4.57 -16.03
N LEU A 39 20.83 4.54 -15.31
CA LEU A 39 20.75 5.08 -13.96
C LEU A 39 20.54 3.97 -12.94
N ASN A 40 20.93 4.23 -11.70
CA ASN A 40 20.57 3.36 -10.57
C ASN A 40 19.44 3.97 -9.74
N SER A 41 18.97 3.17 -8.78
CA SER A 41 17.90 3.60 -7.83
C SER A 41 18.26 4.84 -7.00
N GLN A 42 19.52 4.99 -6.61
CA GLN A 42 19.97 6.18 -5.89
CA GLN A 42 19.95 6.18 -5.87
C GLN A 42 19.87 7.44 -6.76
N GLN A 43 20.17 7.29 -8.04
CA GLN A 43 20.11 8.43 -8.95
C GLN A 43 18.68 8.86 -9.18
N GLY A 44 17.81 7.90 -9.48
CA GLY A 44 16.39 8.16 -9.64
C GLY A 44 15.75 8.84 -8.42
N ARG A 45 16.08 8.34 -7.23
CA ARG A 45 15.51 8.85 -6.00
C ARG A 45 16.00 10.28 -5.79
N MSE A 46 17.29 10.49 -6.04
CA MSE A 46 17.86 11.81 -5.89
C MSE A 46 17.12 12.81 -6.82
O MSE A 46 16.72 13.89 -6.37
CB MSE A 46 19.37 11.80 -6.16
CG MSE A 46 20.02 13.18 -6.09
SE MSE A 46 21.99 13.17 -6.00
CE MSE A 46 22.17 12.27 -4.28
N ILE A 47 16.92 12.43 -8.07
CA ILE A 47 16.25 13.31 -9.03
C ILE A 47 14.85 13.61 -8.49
N GLY A 48 14.17 12.56 -8.02
CA GLY A 48 12.83 12.68 -7.43
C GLY A 48 12.80 13.60 -6.24
N TYR A 49 13.77 13.43 -5.34
CA TYR A 49 13.86 14.26 -4.14
C TYR A 49 14.06 15.74 -4.47
N ILE A 50 14.95 16.03 -5.42
CA ILE A 50 15.19 17.41 -5.86
C ILE A 50 13.93 18.00 -6.49
N TYR A 51 13.33 17.25 -7.42
CA TYR A 51 12.08 17.67 -8.07
C TYR A 51 11.02 18.06 -7.04
N GLU A 52 10.90 17.25 -5.99
CA GLU A 52 9.89 17.47 -4.95
C GLU A 52 10.12 18.70 -4.07
N ASN A 53 11.38 19.02 -3.81
CA ASN A 53 11.76 19.96 -2.78
C ASN A 53 12.43 21.24 -3.30
N GLN A 54 12.72 21.30 -4.59
CA GLN A 54 13.47 22.42 -5.15
C GLN A 54 12.77 23.78 -5.03
N GLU A 55 11.44 23.79 -5.01
CA GLU A 55 10.68 25.03 -4.85
C GLU A 55 10.86 25.64 -3.45
N SER A 56 10.76 24.80 -2.42
CA SER A 56 11.15 25.16 -1.07
C SER A 56 12.60 25.62 -1.03
N GLY A 57 13.45 24.88 -1.75
CA GLY A 57 14.87 25.18 -1.86
C GLY A 57 15.66 24.09 -1.17
N ILE A 58 16.58 23.45 -1.90
CA ILE A 58 17.47 22.46 -1.29
C ILE A 58 18.91 22.64 -1.74
N ILE A 59 19.81 22.49 -0.78
CA ILE A 59 21.24 22.67 -0.99
C ILE A 59 21.94 21.31 -0.84
N GLN A 60 23.20 21.24 -1.25
CA GLN A 60 23.98 19.99 -1.23
C GLN A 60 24.04 19.34 0.16
N LYS A 61 24.12 20.14 1.23
CA LYS A 61 24.10 19.62 2.61
C LYS A 61 22.85 18.77 2.89
N ASP A 62 21.70 19.29 2.48
CA ASP A 62 20.38 18.65 2.72
C ASP A 62 20.32 17.24 2.13
N LEU A 63 20.93 17.07 0.96
CA LEU A 63 20.96 15.77 0.29
C LEU A 63 21.90 14.79 0.99
N ALA A 64 22.98 15.31 1.58
CA ALA A 64 23.89 14.49 2.36
C ALA A 64 23.15 13.83 3.52
N GLN A 65 22.23 14.55 4.16
CA GLN A 65 21.61 14.08 5.42
C GLN A 65 20.28 13.32 5.27
N PHE A 66 19.55 13.52 4.18
CA PHE A 66 18.32 12.75 3.96
C PHE A 66 18.66 11.35 3.44
N SER A 73 30.07 9.56 -3.42
CA SER A 73 29.75 10.88 -2.91
C SER A 73 28.44 11.40 -3.53
N ILE A 74 27.96 12.51 -2.99
CA ILE A 74 26.82 13.23 -3.59
C ILE A 74 27.34 14.26 -4.60
N THR A 75 28.57 14.72 -4.41
CA THR A 75 29.23 15.61 -5.38
C THR A 75 29.35 14.91 -6.74
N SER A 76 29.92 13.71 -6.75
CA SER A 76 30.16 12.98 -8.00
C SER A 76 28.84 12.58 -8.65
N MSE A 77 27.83 12.28 -7.84
CA MSE A 77 26.53 11.89 -8.36
C MSE A 77 25.88 13.07 -9.06
O MSE A 77 25.47 12.97 -10.22
CB MSE A 77 25.61 11.37 -7.25
CG MSE A 77 24.37 10.64 -7.80
SE MSE A 77 23.21 9.83 -6.45
CE MSE A 77 24.60 9.20 -5.20
N LEU A 78 25.82 14.20 -8.38
CA LEU A 78 25.36 15.43 -8.99
C LEU A 78 26.09 15.72 -10.32
N GLN A 79 27.40 15.52 -10.37
CA GLN A 79 28.15 15.67 -11.63
C GLN A 79 27.66 14.71 -12.72
N GLY A 80 27.51 13.44 -12.37
CA GLY A 80 26.91 12.46 -13.29
C GLY A 80 25.54 12.91 -13.77
N LEU A 81 24.68 13.36 -12.84
CA LEU A 81 23.31 13.76 -13.20
C LEU A 81 23.29 15.05 -14.06
N GLU A 82 24.26 15.97 -13.82
CA GLU A 82 24.46 17.16 -14.66
C GLU A 82 24.87 16.76 -16.09
N LYS A 83 25.81 15.80 -16.20
CA LYS A 83 26.29 15.36 -17.51
C LYS A 83 25.17 14.70 -18.34
N LYS A 84 24.27 14.00 -17.66
CA LYS A 84 23.14 13.37 -18.32
C LYS A 84 22.02 14.38 -18.63
N GLY A 85 22.20 15.63 -18.24
CA GLY A 85 21.20 16.68 -18.48
C GLY A 85 19.97 16.62 -17.57
N TYR A 86 20.06 15.91 -16.45
CA TYR A 86 18.92 15.75 -15.53
C TYR A 86 18.82 16.88 -14.51
N ILE A 87 19.99 17.39 -14.12
CA ILE A 87 20.12 18.43 -13.09
C ILE A 87 20.87 19.64 -13.67
N GLU A 88 20.48 20.83 -13.20
CA GLU A 88 21.03 22.10 -13.64
C GLU A 88 22.36 22.32 -12.92
N ARG A 89 23.34 22.85 -13.65
CA ARG A 89 24.62 23.26 -13.04
C ARG A 89 24.41 24.58 -12.30
N ARG A 90 25.18 24.80 -11.26
CA ARG A 90 25.04 25.97 -10.38
C ARG A 90 26.22 26.94 -10.56
N LYS A 99 24.12 27.81 -3.10
CA LYS A 99 23.21 27.80 -4.26
C LYS A 99 22.25 26.60 -4.30
N ASN A 100 20.99 26.89 -4.58
CA ASN A 100 19.95 25.87 -4.65
C ASN A 100 20.12 24.89 -5.82
N ILE A 101 19.56 23.70 -5.67
CA ILE A 101 19.67 22.64 -6.68
C ILE A 101 18.32 22.49 -7.38
N TYR A 102 18.34 22.41 -8.71
CA TYR A 102 17.11 22.26 -9.50
C TYR A 102 17.28 21.21 -10.58
N VAL A 103 16.22 20.41 -10.79
CA VAL A 103 16.18 19.55 -11.96
C VAL A 103 15.92 20.41 -13.22
N LEU A 104 16.41 19.93 -14.35
CA LEU A 104 16.13 20.49 -15.64
C LEU A 104 14.84 19.84 -16.15
N PRO A 105 14.25 20.42 -17.20
CA PRO A 105 13.02 19.84 -17.73
C PRO A 105 13.10 18.34 -18.03
N LYS A 106 14.29 17.89 -18.45
CA LYS A 106 14.54 16.47 -18.68
C LYS A 106 14.31 15.68 -17.40
N GLY A 107 14.78 16.23 -16.26
CA GLY A 107 14.59 15.60 -14.93
C GLY A 107 13.12 15.52 -14.54
N ALA A 108 12.41 16.64 -14.71
CA ALA A 108 10.96 16.66 -14.40
C ALA A 108 10.21 15.65 -15.28
N ALA A 109 10.54 15.62 -16.57
CA ALA A 109 9.96 14.65 -17.51
C ALA A 109 10.20 13.21 -17.01
N LEU A 110 11.39 12.96 -16.50
CA LEU A 110 11.70 11.60 -15.98
C LEU A 110 10.81 11.19 -14.81
N VAL A 111 10.63 12.11 -13.85
CA VAL A 111 9.73 11.86 -12.70
C VAL A 111 8.32 11.55 -13.18
N GLU A 112 7.86 12.28 -14.18
CA GLU A 112 6.54 12.02 -14.75
C GLU A 112 6.47 10.65 -15.42
N GLU A 113 7.55 10.25 -16.06
CA GLU A 113 7.63 8.96 -16.75
C GLU A 113 7.51 7.84 -15.73
N PHE A 114 8.17 7.98 -14.60
CA PHE A 114 8.17 6.90 -13.62
C PHE A 114 6.83 6.82 -12.90
N ASN A 115 6.22 7.96 -12.63
CA ASN A 115 4.86 7.95 -12.14
C ASN A 115 3.92 7.17 -13.05
N ASN A 116 4.05 7.38 -14.35
CA ASN A 116 3.22 6.67 -15.31
C ASN A 116 3.52 5.18 -15.39
N ILE A 117 4.77 4.81 -15.23
CA ILE A 117 5.09 3.40 -15.06
C ILE A 117 4.30 2.82 -13.87
N PHE A 118 4.28 3.51 -12.73
CA PHE A 118 3.60 2.93 -11.56
C PHE A 118 2.08 2.85 -11.79
N LEU A 119 1.52 3.83 -12.51
CA LEU A 119 0.11 3.78 -12.96
C LEU A 119 -0.19 2.58 -13.86
N GLU A 120 0.68 2.31 -14.86
CA GLU A 120 0.51 1.13 -15.69
C GLU A 120 0.59 -0.19 -14.88
N VAL A 121 1.53 -0.27 -13.94
CA VAL A 121 1.61 -1.45 -13.09
C VAL A 121 0.31 -1.58 -12.26
N GLU A 122 -0.16 -0.48 -11.70
CA GLU A 122 -1.39 -0.50 -10.92
C GLU A 122 -2.55 -1.05 -11.76
N GLU A 123 -2.62 -0.61 -13.01
CA GLU A 123 -3.72 -0.98 -13.88
C GLU A 123 -3.60 -2.48 -14.18
N SER A 124 -2.40 -3.01 -14.32
CA SER A 124 -2.20 -4.44 -14.56
C SER A 124 -2.67 -5.37 -13.44
N ILE A 125 -2.82 -4.87 -12.21
CA ILE A 125 -3.20 -5.73 -11.08
C ILE A 125 -4.56 -6.38 -11.31
N THR A 126 -5.44 -5.69 -12.03
CA THR A 126 -6.79 -6.20 -12.22
C THR A 126 -6.95 -7.01 -13.48
N LYS A 127 -5.88 -7.17 -14.27
CA LYS A 127 -5.92 -7.87 -15.56
C LYS A 127 -6.60 -9.22 -15.47
N GLY A 128 -6.21 -10.00 -14.46
CA GLY A 128 -6.70 -11.39 -14.31
C GLY A 128 -7.94 -11.53 -13.47
N LEU A 129 -8.49 -10.40 -13.05
CA LEU A 129 -9.60 -10.42 -12.11
C LEU A 129 -10.95 -10.03 -12.74
N THR A 130 -12.00 -10.62 -12.23
CA THR A 130 -13.35 -10.25 -12.62
C THR A 130 -13.73 -8.94 -11.95
N LYS A 131 -14.89 -8.39 -12.30
CA LYS A 131 -15.38 -7.15 -11.68
C LYS A 131 -15.50 -7.34 -10.16
N ASP A 132 -16.16 -8.42 -9.76
CA ASP A 132 -16.37 -8.69 -8.32
CA ASP A 132 -16.35 -8.68 -8.32
C ASP A 132 -15.03 -8.84 -7.57
N GLU A 133 -14.07 -9.51 -8.18
CA GLU A 133 -12.76 -9.67 -7.58
C GLU A 133 -12.04 -8.33 -7.42
N GLN A 134 -12.24 -7.43 -8.37
CA GLN A 134 -11.62 -6.10 -8.28
C GLN A 134 -12.14 -5.33 -7.06
N LYS A 135 -13.46 -5.33 -6.86
CA LYS A 135 -14.05 -4.67 -5.72
C LYS A 135 -13.63 -5.35 -4.41
N GLN A 136 -13.72 -6.70 -4.37
CA GLN A 136 -13.39 -7.43 -3.13
C GLN A 136 -11.93 -7.20 -2.75
N LEU A 137 -11.01 -7.22 -3.72
CA LEU A 137 -9.58 -6.99 -3.40
C LEU A 137 -9.39 -5.64 -2.69
N MSE A 138 -10.01 -4.60 -3.21
CA MSE A 138 -9.91 -3.28 -2.62
C MSE A 138 -10.50 -3.26 -1.22
O MSE A 138 -9.86 -2.81 -0.29
CB MSE A 138 -10.55 -2.24 -3.50
CG MSE A 138 -10.47 -0.85 -2.93
SE MSE A 138 -8.61 -0.33 -2.66
CE MSE A 138 -8.34 0.12 -4.39
N SER A 139 -11.74 -3.74 -1.08
CA SER A 139 -12.32 -3.82 0.28
C SER A 139 -11.45 -4.60 1.28
N ILE A 140 -10.90 -5.72 0.84
CA ILE A 140 -10.20 -6.58 1.77
C ILE A 140 -8.84 -6.00 2.10
N LEU A 141 -8.15 -5.46 1.11
CA LEU A 141 -6.86 -4.86 1.39
C LEU A 141 -7.00 -3.68 2.36
N ILE A 142 -8.05 -2.88 2.19
CA ILE A 142 -8.30 -1.78 3.10
C ILE A 142 -8.43 -2.32 4.54
N LYS A 143 -9.25 -3.37 4.70
CA LYS A 143 -9.50 -4.00 6.00
C LYS A 143 -8.20 -4.58 6.60
N VAL A 144 -7.44 -5.32 5.80
CA VAL A 144 -6.17 -5.86 6.26
C VAL A 144 -5.24 -4.74 6.72
N ASN A 145 -5.07 -3.71 5.88
CA ASN A 145 -4.18 -2.62 6.23
C ASN A 145 -4.65 -1.88 7.50
N ARG A 146 -5.96 -1.78 7.68
CA ARG A 146 -6.49 -1.10 8.85
C ARG A 146 -6.18 -1.88 10.14
N SER A 147 -6.08 -3.20 10.04
CA SER A 147 -5.98 -4.06 11.21
C SER A 147 -4.56 -4.22 11.77
N MSE A 148 -3.57 -3.55 11.17
CA MSE A 148 -2.17 -3.70 11.60
C MSE A 148 -1.37 -2.41 11.43
O MSE A 148 -0.20 -2.35 11.83
OXT MSE A 148 -1.82 -1.43 10.85
CB MSE A 148 -1.50 -4.82 10.82
CG MSE A 148 -1.53 -4.61 9.30
SE MSE A 148 -0.50 -5.99 8.35
CE MSE A 148 -1.60 -7.52 8.81
N LEU B 10 2.17 8.60 -2.58
CA LEU B 10 2.10 7.10 -2.65
C LEU B 10 0.65 6.57 -2.94
N MSE B 11 -0.36 7.34 -2.51
CA MSE B 11 -1.77 6.90 -2.60
C MSE B 11 -2.41 7.08 -4.02
O MSE B 11 -3.57 6.69 -4.20
CB MSE B 11 -2.61 7.56 -1.49
CG MSE B 11 -2.37 7.02 -0.07
SE MSE B 11 -3.69 7.67 1.29
CE MSE B 11 -3.09 6.60 2.85
N ASP B 12 -1.69 7.61 -5.01
CA ASP B 12 -2.18 7.66 -6.43
C ASP B 12 -2.37 6.29 -7.10
N THR B 13 -1.77 5.25 -6.55
CA THR B 13 -1.94 3.88 -7.04
C THR B 13 -2.49 3.03 -5.89
N PRO B 14 -3.81 2.98 -5.75
CA PRO B 14 -4.38 2.49 -4.49
C PRO B 14 -4.08 1.05 -4.12
N TYR B 15 -4.22 0.08 -5.04
CA TYR B 15 -3.89 -1.30 -4.74
C TYR B 15 -2.42 -1.46 -4.35
N SER B 16 -1.54 -0.85 -5.16
CA SER B 16 -0.10 -0.92 -4.93
C SER B 16 0.27 -0.33 -3.57
N TYR B 17 -0.34 0.80 -3.23
CA TYR B 17 -0.14 1.43 -1.92
C TYR B 17 -0.39 0.42 -0.78
N LEU B 18 -1.54 -0.24 -0.85
CA LEU B 18 -1.95 -1.14 0.22
C LEU B 18 -1.11 -2.38 0.27
N ILE B 19 -0.82 -2.95 -0.89
CA ILE B 19 0.04 -4.10 -0.98
C ILE B 19 1.42 -3.79 -0.37
N ARG B 20 2.00 -2.63 -0.67
CA ARG B 20 3.34 -2.28 -0.12
C ARG B 20 3.28 -1.96 1.38
N SER B 21 2.22 -1.27 1.79
CA SER B 21 2.00 -0.90 3.19
C SER B 21 1.87 -2.15 4.05
N ILE B 22 1.02 -3.08 3.62
CA ILE B 22 0.88 -4.36 4.30
C ILE B 22 2.21 -5.14 4.31
N GLY B 23 2.84 -5.27 3.13
CA GLY B 23 4.20 -5.86 3.05
C GLY B 23 5.24 -5.31 4.00
N MSE B 24 5.33 -3.98 4.04
CA MSE B 24 6.31 -3.30 4.87
CA MSE B 24 6.26 -3.25 4.88
C MSE B 24 5.94 -3.51 6.35
O MSE B 24 6.85 -3.69 7.18
CB MSE B 24 6.45 -1.81 4.49
CB MSE B 24 6.15 -1.73 4.58
CG MSE B 24 7.19 -1.54 3.13
CG MSE B 24 6.80 -0.77 5.59
SE MSE B 24 7.56 0.37 2.62
SE MSE B 24 6.11 1.07 5.44
CE MSE B 24 7.95 0.11 0.71
CE MSE B 24 4.18 0.72 5.46
N LYS B 25 4.65 -3.52 6.68
CA LYS B 25 4.23 -3.77 8.07
C LYS B 25 4.56 -5.22 8.51
N LEU B 26 4.35 -6.19 7.62
CA LEU B 26 4.68 -7.58 7.95
C LEU B 26 6.19 -7.73 8.16
N LYS B 27 6.96 -7.18 7.23
CA LYS B 27 8.39 -7.27 7.27
C LYS B 27 8.99 -6.58 8.49
N THR B 28 8.39 -5.49 8.93
CA THR B 28 8.88 -4.76 10.10
C THR B 28 8.60 -5.59 11.34
N SER B 29 7.36 -6.03 11.49
CA SER B 29 6.99 -7.03 12.50
C SER B 29 8.06 -8.15 12.53
N ALA B 30 8.35 -8.77 11.38
CA ALA B 30 9.24 -9.95 11.37
C ALA B 30 10.71 -9.59 11.61
N ASP B 31 11.22 -8.59 10.89
CA ASP B 31 12.62 -8.18 11.06
C ASP B 31 12.98 -7.82 12.49
N ALA B 32 12.04 -7.17 13.19
CA ALA B 32 12.24 -6.75 14.57
C ALA B 32 12.25 -7.92 15.55
N ARG B 33 11.32 -8.85 15.39
CA ARG B 33 11.25 -10.04 16.26
C ARG B 33 12.43 -11.03 16.06
N LEU B 34 13.02 -10.98 14.88
CA LEU B 34 14.17 -11.81 14.56
C LEU B 34 15.47 -11.14 15.03
N ALA B 35 15.55 -9.82 14.81
CA ALA B 35 16.73 -9.01 15.11
C ALA B 35 17.13 -9.12 16.57
N GLU B 36 16.12 -9.25 17.43
CA GLU B 36 16.37 -9.46 18.87
C GLU B 36 17.18 -10.74 19.09
N LEU B 37 16.99 -11.72 18.21
CA LEU B 37 17.73 -13.00 18.29
C LEU B 37 18.98 -13.03 17.44
N GLY B 38 19.46 -11.86 17.03
CA GLY B 38 20.64 -11.78 16.15
C GLY B 38 20.50 -12.56 14.87
N LEU B 39 19.25 -12.77 14.45
CA LEU B 39 18.91 -13.47 13.22
C LEU B 39 18.30 -12.51 12.22
N ASN B 40 18.13 -13.00 10.99
CA ASN B 40 17.39 -12.28 9.98
C ASN B 40 16.61 -13.26 9.13
N SER B 41 15.67 -12.76 8.37
CA SER B 41 14.73 -13.62 7.68
C SER B 41 15.37 -14.49 6.57
N GLN B 42 16.43 -13.97 5.96
CA GLN B 42 17.13 -14.71 4.92
C GLN B 42 17.84 -15.96 5.51
N GLN B 43 18.50 -15.80 6.65
CA GLN B 43 19.08 -16.94 7.36
C GLN B 43 18.02 -17.96 7.72
N GLY B 44 16.88 -17.49 8.21
CA GLY B 44 15.76 -18.36 8.56
C GLY B 44 15.21 -19.15 7.40
N ARG B 45 14.95 -18.47 6.30
CA ARG B 45 14.59 -19.11 5.04
C ARG B 45 15.62 -20.15 4.56
N MSE B 46 16.89 -19.79 4.65
CA MSE B 46 17.96 -20.70 4.24
CA MSE B 46 17.99 -20.68 4.27
C MSE B 46 17.98 -21.95 5.12
O MSE B 46 17.97 -23.07 4.61
CB MSE B 46 19.34 -20.02 4.30
CB MSE B 46 19.33 -19.96 4.47
CG MSE B 46 20.49 -20.97 4.10
CG MSE B 46 20.56 -20.77 4.14
SE MSE B 46 22.08 -20.09 3.43
SE MSE B 46 20.49 -21.38 2.30
CE MSE B 46 21.29 -19.41 1.83
CE MSE B 46 20.19 -19.64 1.46
N ILE B 47 18.00 -21.77 6.44
CA ILE B 47 17.98 -22.93 7.34
C ILE B 47 16.74 -23.81 7.12
N GLY B 48 15.56 -23.19 7.02
CA GLY B 48 14.32 -23.89 6.70
C GLY B 48 14.44 -24.73 5.43
N TYR B 49 14.97 -24.14 4.37
CA TYR B 49 15.09 -24.83 3.09
C TYR B 49 16.02 -26.03 3.28
N ILE B 50 17.12 -25.84 4.02
CA ILE B 50 18.03 -26.92 4.25
C ILE B 50 17.33 -28.03 5.05
N TYR B 51 16.67 -27.67 6.13
CA TYR B 51 15.97 -28.64 6.95
C TYR B 51 14.96 -29.46 6.10
N GLU B 52 14.19 -28.80 5.25
CA GLU B 52 13.17 -29.46 4.44
C GLU B 52 13.73 -30.38 3.36
N ASN B 53 14.89 -30.08 2.80
CA ASN B 53 15.39 -30.77 1.63
C ASN B 53 16.67 -31.55 1.83
N GLN B 54 17.19 -31.58 3.06
CA GLN B 54 18.50 -32.18 3.32
C GLN B 54 18.58 -33.68 2.95
N GLU B 55 17.48 -34.41 3.06
CA GLU B 55 17.50 -35.85 2.75
CA GLU B 55 17.53 -35.85 2.76
C GLU B 55 17.57 -36.13 1.24
N SER B 56 17.27 -35.09 0.46
CA SER B 56 17.46 -35.07 -1.01
C SER B 56 18.91 -34.84 -1.44
N GLY B 57 19.70 -34.25 -0.54
CA GLY B 57 21.09 -33.96 -0.81
C GLY B 57 21.20 -32.51 -1.27
N ILE B 58 21.68 -31.62 -0.39
CA ILE B 58 21.81 -30.22 -0.74
C ILE B 58 23.29 -29.87 -0.79
N ILE B 59 23.75 -29.31 -1.91
CA ILE B 59 25.12 -28.74 -1.96
C ILE B 59 25.08 -27.21 -2.05
N GLN B 60 26.23 -26.57 -1.84
CA GLN B 60 26.22 -25.10 -1.80
C GLN B 60 25.67 -24.51 -3.09
N LYS B 61 26.02 -25.11 -4.23
CA LYS B 61 25.45 -24.73 -5.53
C LYS B 61 23.91 -24.59 -5.54
N ASP B 62 23.17 -25.55 -4.96
CA ASP B 62 21.70 -25.50 -4.98
C ASP B 62 21.17 -24.28 -4.20
N LEU B 63 21.92 -23.87 -3.18
CA LEU B 63 21.52 -22.74 -2.35
C LEU B 63 21.76 -21.42 -3.12
N ALA B 64 22.93 -21.28 -3.72
CA ALA B 64 23.18 -20.16 -4.68
C ALA B 64 22.03 -19.90 -5.68
N GLN B 65 21.58 -20.96 -6.36
CA GLN B 65 20.53 -20.83 -7.39
C GLN B 65 19.13 -20.87 -6.78
N ALA B 72 22.80 -10.62 -0.19
CA ALA B 72 23.56 -11.20 0.93
C ALA B 72 24.43 -12.37 0.46
N SER B 73 25.68 -12.42 0.93
CA SER B 73 26.61 -13.47 0.53
C SER B 73 26.15 -14.78 1.14
N ILE B 74 25.87 -15.75 0.27
CA ILE B 74 25.54 -17.10 0.68
C ILE B 74 26.71 -17.82 1.34
N THR B 75 27.92 -17.67 0.81
CA THR B 75 29.08 -18.31 1.42
C THR B 75 29.23 -17.81 2.83
N SER B 76 29.14 -16.50 3.01
CA SER B 76 29.27 -15.93 4.35
C SER B 76 28.15 -16.41 5.28
N MSE B 77 26.94 -16.47 4.75
CA MSE B 77 25.81 -16.83 5.59
C MSE B 77 25.92 -18.31 6.01
O MSE B 77 25.68 -18.61 7.17
CB MSE B 77 24.51 -16.54 4.87
CG MSE B 77 23.24 -16.98 5.61
SE MSE B 77 21.66 -16.67 4.48
CE MSE B 77 22.34 -15.26 3.31
N LEU B 78 26.33 -19.19 5.10
CA LEU B 78 26.56 -20.59 5.43
C LEU B 78 27.69 -20.77 6.42
N GLN B 79 28.78 -20.06 6.22
CA GLN B 79 29.90 -20.16 7.19
C GLN B 79 29.42 -19.72 8.58
N GLY B 80 28.55 -18.72 8.60
CA GLY B 80 28.03 -18.17 9.88
C GLY B 80 27.18 -19.21 10.60
N LEU B 81 26.20 -19.77 9.88
CA LEU B 81 25.35 -20.85 10.41
C LEU B 81 26.21 -22.05 10.87
N GLU B 82 27.23 -22.38 10.11
CA GLU B 82 28.12 -23.47 10.52
C GLU B 82 28.93 -23.13 11.79
N LYS B 83 29.42 -21.89 11.86
CA LYS B 83 30.27 -21.52 12.99
C LYS B 83 29.46 -21.52 14.28
N LYS B 84 28.20 -21.14 14.18
CA LYS B 84 27.32 -21.07 15.32
C LYS B 84 26.72 -22.45 15.70
N GLY B 85 27.02 -23.48 14.93
CA GLY B 85 26.66 -24.85 15.28
C GLY B 85 25.27 -25.24 14.79
N TYR B 86 24.73 -24.54 13.80
CA TYR B 86 23.36 -24.76 13.33
C TYR B 86 23.30 -25.73 12.15
N ILE B 87 24.36 -25.78 11.34
CA ILE B 87 24.43 -26.66 10.18
C ILE B 87 25.80 -27.28 10.13
N GLU B 88 25.91 -28.39 9.41
CA GLU B 88 27.17 -29.08 9.17
C GLU B 88 27.21 -29.54 7.72
N ARG B 89 28.39 -29.87 7.26
CA ARG B 89 28.59 -30.42 5.94
C ARG B 89 29.08 -31.83 6.15
N ARG B 90 28.37 -32.79 5.58
CA ARG B 90 28.68 -34.20 5.74
C ARG B 90 29.15 -34.76 4.43
N ILE B 91 30.22 -35.55 4.48
CA ILE B 91 30.58 -36.43 3.37
C ILE B 91 29.50 -37.50 3.23
N PRO B 92 28.82 -37.53 2.07
CA PRO B 92 27.84 -38.60 1.85
C PRO B 92 28.53 -39.94 1.64
N GLN B 98 31.19 -33.96 -3.62
CA GLN B 98 30.66 -32.74 -3.00
C GLN B 98 29.92 -33.03 -1.68
N LYS B 99 30.27 -32.31 -0.62
CA LYS B 99 29.61 -32.46 0.68
C LYS B 99 28.16 -32.00 0.68
N ASN B 100 27.33 -32.67 1.47
CA ASN B 100 25.89 -32.32 1.60
C ASN B 100 25.72 -31.51 2.88
N ILE B 101 24.80 -30.56 2.86
CA ILE B 101 24.56 -29.67 3.98
C ILE B 101 23.35 -30.20 4.79
N TYR B 102 23.53 -30.33 6.10
CA TYR B 102 22.45 -30.75 6.98
C TYR B 102 22.29 -29.80 8.14
N VAL B 103 21.09 -29.71 8.69
CA VAL B 103 20.86 -28.97 9.90
C VAL B 103 21.29 -29.83 11.10
N LEU B 104 21.93 -29.21 12.06
CA LEU B 104 22.22 -29.93 13.31
C LEU B 104 21.02 -29.74 14.27
N PRO B 105 20.93 -30.51 15.39
CA PRO B 105 19.80 -30.29 16.29
C PRO B 105 19.58 -28.86 16.81
N LYS B 106 20.65 -28.17 17.15
CA LYS B 106 20.50 -26.76 17.53
C LYS B 106 19.83 -25.93 16.40
N GLY B 107 20.16 -26.28 15.17
CA GLY B 107 19.59 -25.59 14.00
C GLY B 107 18.13 -25.99 13.76
N ALA B 108 17.80 -27.27 13.98
CA ALA B 108 16.38 -27.72 13.91
C ALA B 108 15.52 -26.97 14.95
N ALA B 109 16.01 -26.82 16.17
CA ALA B 109 15.31 -26.02 17.21
C ALA B 109 15.12 -24.56 16.73
N LEU B 110 16.15 -23.97 16.12
CA LEU B 110 16.07 -22.61 15.59
C LEU B 110 15.08 -22.45 14.41
N VAL B 111 15.01 -23.44 13.51
CA VAL B 111 14.05 -23.44 12.43
C VAL B 111 12.64 -23.26 13.00
N GLU B 112 12.36 -23.97 14.10
CA GLU B 112 11.05 -23.94 14.68
C GLU B 112 10.72 -22.56 15.24
N GLU B 113 11.66 -21.93 15.92
CA GLU B 113 11.43 -20.58 16.43
C GLU B 113 11.23 -19.59 15.25
N PHE B 114 12.04 -19.69 14.18
CA PHE B 114 11.83 -18.91 12.94
C PHE B 114 10.39 -19.10 12.47
N ASN B 115 10.03 -20.35 12.20
CA ASN B 115 8.69 -20.68 11.70
C ASN B 115 7.57 -20.12 12.55
N ASN B 116 7.69 -20.19 13.87
CA ASN B 116 6.63 -19.63 14.72
C ASN B 116 6.49 -18.12 14.54
N ILE B 117 7.59 -17.40 14.38
CA ILE B 117 7.52 -15.97 14.16
C ILE B 117 6.77 -15.70 12.86
N PHE B 118 7.13 -16.41 11.79
CA PHE B 118 6.47 -16.24 10.49
C PHE B 118 5.00 -16.61 10.54
N LEU B 119 4.65 -17.62 11.33
CA LEU B 119 3.27 -18.02 11.48
C LEU B 119 2.40 -16.99 12.24
N GLU B 120 2.97 -16.33 13.25
CA GLU B 120 2.23 -15.29 13.97
C GLU B 120 2.02 -14.07 13.05
N VAL B 121 3.02 -13.75 12.23
CA VAL B 121 2.89 -12.67 11.27
C VAL B 121 1.82 -13.00 10.24
N GLU B 122 1.81 -14.23 9.76
CA GLU B 122 0.80 -14.69 8.80
C GLU B 122 -0.61 -14.52 9.38
N GLU B 123 -0.78 -14.90 10.63
CA GLU B 123 -2.07 -14.84 11.28
C GLU B 123 -2.54 -13.40 11.48
N SER B 124 -1.62 -12.45 11.52
CA SER B 124 -2.01 -11.06 11.67
C SER B 124 -2.71 -10.52 10.40
N ILE B 125 -2.44 -11.16 9.26
CA ILE B 125 -3.10 -10.80 8.01
C ILE B 125 -4.59 -11.07 8.08
N THR B 126 -4.97 -12.21 8.65
CA THR B 126 -6.37 -12.65 8.60
C THR B 126 -7.22 -12.36 9.86
N LYS B 127 -6.62 -11.77 10.90
CA LYS B 127 -7.34 -11.52 12.17
C LYS B 127 -8.66 -10.79 11.96
N GLY B 128 -8.66 -9.74 11.15
CA GLY B 128 -9.85 -8.95 10.96
C GLY B 128 -10.78 -9.41 9.87
N LEU B 129 -10.57 -10.61 9.31
CA LEU B 129 -11.35 -11.04 8.15
C LEU B 129 -12.28 -12.21 8.46
N THR B 130 -13.48 -12.19 7.89
CA THR B 130 -14.38 -13.33 7.91
C THR B 130 -13.77 -14.50 7.13
N LYS B 131 -14.24 -15.73 7.39
CA LYS B 131 -13.82 -16.87 6.59
C LYS B 131 -14.03 -16.65 5.07
N ASP B 132 -15.11 -16.01 4.67
CA ASP B 132 -15.32 -15.78 3.25
C ASP B 132 -14.30 -14.79 2.67
N GLU B 133 -14.03 -13.73 3.42
CA GLU B 133 -13.03 -12.75 3.02
C GLU B 133 -11.65 -13.41 2.89
N GLN B 134 -11.32 -14.31 3.79
CA GLN B 134 -10.04 -15.05 3.71
C GLN B 134 -9.94 -15.91 2.44
N LYS B 135 -11.04 -16.55 2.09
CA LYS B 135 -11.10 -17.41 0.90
C LYS B 135 -11.01 -16.52 -0.37
N GLN B 136 -11.75 -15.43 -0.37
CA GLN B 136 -11.66 -14.51 -1.51
C GLN B 136 -10.25 -13.94 -1.67
N LEU B 137 -9.61 -13.53 -0.57
CA LEU B 137 -8.28 -12.92 -0.66
C LEU B 137 -7.24 -13.91 -1.21
N MSE B 138 -7.31 -15.16 -0.76
CA MSE B 138 -6.34 -16.16 -1.21
C MSE B 138 -6.50 -16.36 -2.71
O MSE B 138 -5.52 -16.34 -3.45
CB MSE B 138 -6.56 -17.50 -0.53
CG MSE B 138 -5.56 -18.61 -0.97
SE MSE B 138 -3.78 -18.08 -0.46
CE MSE B 138 -3.81 -18.91 1.34
N SER B 139 -7.73 -16.55 -3.13
CA SER B 139 -8.02 -16.81 -4.52
C SER B 139 -7.57 -15.66 -5.43
N ILE B 140 -7.87 -14.44 -5.02
CA ILE B 140 -7.52 -13.27 -5.78
C ILE B 140 -5.99 -13.04 -5.81
N LEU B 141 -5.33 -13.15 -4.67
CA LEU B 141 -3.89 -12.91 -4.63
C LEU B 141 -3.13 -13.96 -5.50
N ILE B 142 -3.61 -15.18 -5.52
CA ILE B 142 -3.01 -16.18 -6.40
C ILE B 142 -3.14 -15.70 -7.86
N LYS B 143 -4.32 -15.21 -8.24
CA LYS B 143 -4.53 -14.76 -9.60
C LYS B 143 -3.67 -13.56 -9.94
N VAL B 144 -3.59 -12.59 -9.03
CA VAL B 144 -2.79 -11.38 -9.28
C VAL B 144 -1.32 -11.77 -9.46
N ASN B 145 -0.80 -12.56 -8.53
CA ASN B 145 0.59 -12.98 -8.58
C ASN B 145 0.90 -13.77 -9.87
N ARG B 146 -0.02 -14.64 -10.31
CA ARG B 146 0.16 -15.38 -11.57
C ARG B 146 0.24 -14.45 -12.76
N SER B 147 -0.56 -13.39 -12.74
CA SER B 147 -0.77 -12.53 -13.91
C SER B 147 0.38 -11.56 -14.16
N MSE B 148 1.35 -11.50 -13.24
CA MSE B 148 2.49 -10.61 -13.43
C MSE B 148 3.79 -11.34 -13.13
O MSE B 148 4.83 -10.85 -13.55
CB MSE B 148 2.36 -9.35 -12.57
CG MSE B 148 2.03 -9.58 -11.11
SE MSE B 148 1.47 -7.97 -10.11
CE MSE B 148 0.52 -7.03 -11.53
N ASP C 12 -22.04 32.58 30.22
CA ASP C 12 -21.56 31.77 29.09
C ASP C 12 -22.67 30.96 28.41
N THR C 13 -22.27 30.05 27.52
CA THR C 13 -23.17 29.54 26.53
C THR C 13 -22.97 28.02 26.42
N PRO C 14 -23.44 27.28 27.44
CA PRO C 14 -23.17 25.84 27.49
C PRO C 14 -23.83 25.01 26.38
N TYR C 15 -25.06 25.31 25.98
CA TYR C 15 -25.65 24.58 24.88
C TYR C 15 -24.92 24.77 23.58
N SER C 16 -24.61 26.03 23.25
CA SER C 16 -23.83 26.35 22.07
C SER C 16 -22.45 25.65 22.00
N TYR C 17 -21.73 25.71 23.10
CA TYR C 17 -20.42 25.08 23.21
C TYR C 17 -20.52 23.55 22.96
N LEU C 18 -21.53 22.91 23.53
CA LEU C 18 -21.66 21.47 23.40
C LEU C 18 -22.06 21.06 22.00
N ILE C 19 -23.03 21.76 21.42
CA ILE C 19 -23.42 21.52 20.06
C ILE C 19 -22.27 21.76 19.07
N ARG C 20 -21.53 22.84 19.25
CA ARG C 20 -20.35 23.10 18.41
C ARG C 20 -19.22 22.08 18.65
N SER C 21 -18.98 21.73 19.90
CA SER C 21 -17.92 20.77 20.24
C SER C 21 -18.22 19.38 19.64
N ILE C 22 -19.45 18.91 19.81
CA ILE C 22 -19.86 17.63 19.22
C ILE C 22 -19.73 17.67 17.68
N GLY C 23 -20.24 18.71 17.06
CA GLY C 23 -20.15 18.90 15.60
C GLY C 23 -18.71 18.84 15.09
N MSE C 24 -17.83 19.55 15.78
CA MSE C 24 -16.42 19.59 15.39
CA MSE C 24 -16.42 19.59 15.39
C MSE C 24 -15.81 18.20 15.55
O MSE C 24 -15.03 17.78 14.70
CB MSE C 24 -15.62 20.63 16.20
CB MSE C 24 -15.63 20.60 16.21
CG MSE C 24 -15.93 22.08 15.81
CG MSE C 24 -14.13 20.62 15.93
SE MSE C 24 -15.05 23.47 16.88
SE MSE C 24 -13.62 21.26 14.13
CE MSE C 24 -13.21 22.79 16.68
CE MSE C 24 -13.44 23.18 14.53
N LYS C 25 -16.15 17.50 16.62
CA LYS C 25 -15.56 16.16 16.85
C LYS C 25 -16.02 15.18 15.75
N LEU C 26 -17.27 15.28 15.34
CA LEU C 26 -17.82 14.45 14.30
C LEU C 26 -17.12 14.67 12.97
N LYS C 27 -16.94 15.95 12.64
CA LYS C 27 -16.25 16.35 11.43
C LYS C 27 -14.76 15.92 11.46
N THR C 28 -14.07 16.17 12.57
CA THR C 28 -12.68 15.79 12.73
C THR C 28 -12.50 14.25 12.55
N SER C 29 -13.38 13.46 13.16
CA SER C 29 -13.32 12.03 13.05
C SER C 29 -13.53 11.56 11.59
N ALA C 30 -14.61 12.02 10.93
CA ALA C 30 -14.88 11.66 9.54
C ALA C 30 -13.71 12.02 8.61
N ASP C 31 -13.19 13.23 8.77
CA ASP C 31 -12.12 13.74 7.94
C ASP C 31 -10.83 12.90 8.13
N ALA C 32 -10.53 12.50 9.36
CA ALA C 32 -9.36 11.63 9.61
C ALA C 32 -9.54 10.27 8.97
N ARG C 33 -10.78 9.76 9.00
CA ARG C 33 -11.06 8.46 8.43
CA ARG C 33 -11.10 8.44 8.44
C ARG C 33 -11.04 8.51 6.92
N LEU C 34 -11.49 9.62 6.35
CA LEU C 34 -11.39 9.86 4.94
C LEU C 34 -9.91 9.96 4.47
N ALA C 35 -9.11 10.69 5.23
CA ALA C 35 -7.68 10.84 4.90
C ALA C 35 -6.99 9.46 4.78
N GLU C 36 -7.32 8.53 5.67
CA GLU C 36 -6.76 7.17 5.63
C GLU C 36 -7.11 6.43 4.33
N LEU C 37 -8.25 6.74 3.72
CA LEU C 37 -8.62 6.24 2.40
C LEU C 37 -8.12 7.08 1.23
N GLY C 38 -7.36 8.12 1.48
CA GLY C 38 -6.95 9.03 0.41
C GLY C 38 -8.08 9.77 -0.25
N LEU C 39 -9.18 9.98 0.46
CA LEU C 39 -10.28 10.74 -0.07
C LEU C 39 -10.49 11.98 0.75
N ASN C 40 -11.07 13.01 0.12
CA ASN C 40 -11.78 14.01 0.88
C ASN C 40 -13.30 13.87 0.67
N SER C 41 -14.05 14.69 1.40
CA SER C 41 -15.50 14.69 1.37
C SER C 41 -16.05 14.93 -0.04
N GLN C 42 -15.50 15.90 -0.76
CA GLN C 42 -15.97 16.17 -2.12
C GLN C 42 -15.81 14.98 -3.06
N GLN C 43 -14.66 14.32 -2.98
CA GLN C 43 -14.36 13.19 -3.87
C GLN C 43 -15.31 12.05 -3.57
N GLY C 44 -15.57 11.82 -2.28
CA GLY C 44 -16.42 10.74 -1.87
C GLY C 44 -17.87 10.94 -2.29
N ARG C 45 -18.37 12.16 -2.15
CA ARG C 45 -19.75 12.48 -2.56
C ARG C 45 -19.91 12.35 -4.08
N MSE C 46 -18.88 12.72 -4.82
CA MSE C 46 -18.88 12.61 -6.27
C MSE C 46 -19.00 11.17 -6.78
O MSE C 46 -19.78 10.89 -7.69
CB MSE C 46 -17.65 13.26 -6.86
CG MSE C 46 -17.55 13.14 -8.36
SE MSE C 46 -16.31 14.37 -9.22
CE MSE C 46 -17.32 16.04 -9.01
N ILE C 47 -18.21 10.26 -6.24
CA ILE C 47 -18.26 8.87 -6.67
C ILE C 47 -19.54 8.22 -6.20
N GLY C 48 -20.00 8.60 -5.00
CA GLY C 48 -21.29 8.10 -4.50
C GLY C 48 -22.43 8.53 -5.41
N TYR C 49 -22.39 9.77 -5.85
CA TYR C 49 -23.39 10.28 -6.74
C TYR C 49 -23.35 9.59 -8.11
N ILE C 50 -22.15 9.43 -8.68
CA ILE C 50 -22.01 8.73 -9.98
C ILE C 50 -22.50 7.29 -9.82
N TYR C 51 -22.03 6.59 -8.77
CA TYR C 51 -22.39 5.20 -8.55
C TYR C 51 -23.92 4.99 -8.53
N GLU C 52 -24.63 5.82 -7.78
CA GLU C 52 -26.10 5.71 -7.69
C GLU C 52 -26.85 6.09 -8.96
N ASN C 53 -26.25 6.93 -9.80
CA ASN C 53 -26.95 7.44 -10.96
C ASN C 53 -26.40 7.00 -12.33
N GLN C 54 -25.42 6.12 -12.39
CA GLN C 54 -24.71 5.91 -13.66
C GLN C 54 -25.50 5.15 -14.72
N GLU C 55 -26.43 4.31 -14.27
CA GLU C 55 -27.36 3.60 -15.16
C GLU C 55 -28.14 4.55 -16.05
N SER C 56 -28.67 5.63 -15.45
CA SER C 56 -29.44 6.63 -16.20
C SER C 56 -28.56 7.36 -17.18
N GLY C 57 -27.29 7.52 -16.80
CA GLY C 57 -26.32 8.22 -17.63
C GLY C 57 -25.98 9.58 -17.03
N ILE C 58 -24.78 9.71 -16.47
CA ILE C 58 -24.29 10.97 -15.94
C ILE C 58 -23.21 11.50 -16.85
N ILE C 59 -23.37 12.74 -17.29
CA ILE C 59 -22.33 13.47 -18.01
C ILE C 59 -21.74 14.50 -17.05
N GLN C 60 -20.58 15.03 -17.38
CA GLN C 60 -19.89 15.99 -16.53
C GLN C 60 -20.75 17.19 -16.15
N LYS C 61 -21.49 17.70 -17.14
CA LYS C 61 -22.42 18.82 -16.95
C LYS C 61 -23.31 18.58 -15.73
N ASP C 62 -23.91 17.39 -15.66
CA ASP C 62 -24.77 17.01 -14.52
C ASP C 62 -24.07 17.19 -13.17
N LEU C 63 -22.82 16.70 -13.07
CA LEU C 63 -22.04 16.82 -11.83
C LEU C 63 -21.73 18.26 -11.47
N ALA C 64 -21.44 19.07 -12.50
CA ALA C 64 -21.08 20.47 -12.31
C ALA C 64 -22.19 21.32 -11.65
N GLN C 65 -23.42 20.83 -11.70
CA GLN C 65 -24.54 21.55 -11.11
C GLN C 65 -25.31 20.84 -10.00
N PHE C 66 -25.17 19.52 -9.86
CA PHE C 66 -25.64 18.90 -8.61
C PHE C 66 -24.76 19.40 -7.45
N PHE C 67 -23.48 19.69 -7.75
CA PHE C 67 -22.55 20.26 -6.77
C PHE C 67 -22.27 21.76 -6.96
N GLY C 68 -22.77 22.34 -8.05
CA GLY C 68 -22.67 23.78 -8.29
C GLY C 68 -21.25 24.31 -8.36
N ALA C 72 -14.67 22.92 -14.89
CA ALA C 72 -14.33 23.49 -13.60
C ALA C 72 -13.23 22.66 -12.95
N SER C 73 -13.11 22.75 -11.63
CA SER C 73 -12.21 21.87 -10.91
C SER C 73 -12.81 20.46 -10.95
N ILE C 74 -14.04 20.37 -11.49
CA ILE C 74 -14.67 19.08 -11.76
C ILE C 74 -13.79 18.24 -12.70
N THR C 75 -13.25 18.86 -13.74
CA THR C 75 -12.39 18.16 -14.66
C THR C 75 -11.22 17.55 -13.89
N SER C 76 -10.51 18.35 -13.09
CA SER C 76 -9.34 17.87 -12.40
C SER C 76 -9.71 16.82 -11.37
N MSE C 77 -10.86 16.97 -10.73
CA MSE C 77 -11.37 15.98 -9.78
C MSE C 77 -11.68 14.66 -10.50
O MSE C 77 -11.35 13.60 -9.99
CB MSE C 77 -12.58 16.48 -9.02
CG MSE C 77 -12.97 15.53 -7.88
SE MSE C 77 -14.23 16.27 -6.51
CE MSE C 77 -14.29 18.13 -7.21
N LEU C 78 -12.30 14.75 -11.67
CA LEU C 78 -12.58 13.54 -12.46
C LEU C 78 -11.30 12.82 -12.90
N GLN C 79 -10.32 13.60 -13.32
CA GLN C 79 -9.06 13.05 -13.75
C GLN C 79 -8.36 12.30 -12.63
N GLY C 80 -8.34 12.90 -11.44
CA GLY C 80 -7.71 12.26 -10.30
C GLY C 80 -8.41 10.93 -9.97
N LEU C 81 -9.74 10.91 -10.04
CA LEU C 81 -10.48 9.68 -9.77
C LEU C 81 -10.26 8.63 -10.86
N GLU C 82 -10.12 9.08 -12.10
CA GLU C 82 -9.83 8.19 -13.23
C GLU C 82 -8.44 7.62 -13.16
N LYS C 83 -7.48 8.48 -12.85
CA LYS C 83 -6.11 8.05 -12.61
C LYS C 83 -6.02 6.87 -11.61
N LYS C 84 -6.72 7.00 -10.50
CA LYS C 84 -6.77 5.95 -9.46
C LYS C 84 -7.55 4.70 -9.86
N GLY C 85 -8.24 4.74 -11.00
CA GLY C 85 -9.01 3.58 -11.45
C GLY C 85 -10.40 3.47 -10.83
N TYR C 86 -10.90 4.55 -10.23
CA TYR C 86 -12.19 4.50 -9.51
C TYR C 86 -13.37 4.72 -10.45
N ILE C 87 -13.12 5.43 -11.55
CA ILE C 87 -14.14 5.73 -12.54
C ILE C 87 -13.56 5.65 -13.95
N GLU C 88 -14.48 5.58 -14.90
CA GLU C 88 -14.21 5.52 -16.31
C GLU C 88 -15.18 6.42 -17.04
N ARG C 89 -14.76 6.98 -18.16
CA ARG C 89 -15.65 7.69 -19.02
C ARG C 89 -15.74 6.95 -20.33
N ARG C 90 -16.94 6.80 -20.86
CA ARG C 90 -17.05 6.07 -22.11
C ARG C 90 -17.99 6.69 -23.13
N ILE C 91 -17.69 6.43 -24.39
CA ILE C 91 -18.45 6.96 -25.51
C ILE C 91 -19.83 6.28 -25.48
N PRO C 92 -20.92 7.07 -25.42
CA PRO C 92 -22.26 6.47 -25.48
C PRO C 92 -22.73 6.25 -26.91
N ARG C 97 -22.53 12.66 -28.29
CA ARG C 97 -21.08 12.87 -28.39
C ARG C 97 -20.36 12.86 -27.03
N GLN C 98 -20.97 13.44 -26.00
CA GLN C 98 -20.33 13.61 -24.68
C GLN C 98 -20.34 12.33 -23.82
N LYS C 99 -19.31 12.17 -22.99
CA LYS C 99 -19.04 10.86 -22.36
C LYS C 99 -19.81 10.59 -21.07
N ASN C 100 -20.35 9.39 -20.96
CA ASN C 100 -20.98 8.97 -19.73
C ASN C 100 -19.91 8.57 -18.72
N ILE C 101 -20.16 8.89 -17.45
CA ILE C 101 -19.21 8.63 -16.35
C ILE C 101 -19.73 7.49 -15.51
N TYR C 102 -18.85 6.55 -15.20
CA TYR C 102 -19.20 5.37 -14.45
C TYR C 102 -18.17 5.10 -13.35
N VAL C 103 -18.64 4.61 -12.21
CA VAL C 103 -17.77 4.16 -11.16
C VAL C 103 -17.43 2.71 -11.50
N LEU C 104 -16.15 2.37 -11.45
CA LEU C 104 -15.67 1.00 -11.63
C LEU C 104 -15.67 0.20 -10.30
N PRO C 105 -15.52 -1.12 -10.37
CA PRO C 105 -15.61 -1.94 -9.14
C PRO C 105 -14.63 -1.49 -8.03
N LYS C 106 -13.39 -1.15 -8.38
CA LYS C 106 -12.44 -0.59 -7.43
C LYS C 106 -13.01 0.65 -6.71
N GLY C 107 -13.63 1.51 -7.50
CA GLY C 107 -14.28 2.70 -6.97
C GLY C 107 -15.51 2.39 -6.15
N ALA C 108 -16.28 1.34 -6.52
CA ALA C 108 -17.47 0.96 -5.76
C ALA C 108 -17.03 0.54 -4.36
N ALA C 109 -15.82 -0.04 -4.20
CA ALA C 109 -15.37 -0.41 -2.84
C ALA C 109 -15.19 0.88 -2.02
N LEU C 110 -14.66 1.92 -2.65
CA LEU C 110 -14.45 3.18 -1.96
C LEU C 110 -15.76 3.89 -1.63
N VAL C 111 -16.76 3.81 -2.49
CA VAL C 111 -18.11 4.31 -2.17
C VAL C 111 -18.60 3.69 -0.85
N GLU C 112 -18.45 2.37 -0.72
CA GLU C 112 -18.92 1.67 0.46
C GLU C 112 -18.13 2.04 1.69
N GLU C 113 -16.81 2.22 1.57
CA GLU C 113 -16.01 2.67 2.68
C GLU C 113 -16.38 4.09 3.10
N PHE C 114 -16.71 4.94 2.14
CA PHE C 114 -17.11 6.31 2.42
C PHE C 114 -18.43 6.34 3.20
N ASN C 115 -19.44 5.61 2.71
CA ASN C 115 -20.69 5.46 3.42
C ASN C 115 -20.46 4.89 4.80
N ASN C 116 -19.60 3.88 4.92
CA ASN C 116 -19.37 3.24 6.19
C ASN C 116 -18.81 4.21 7.26
N ILE C 117 -17.92 5.09 6.85
CA ILE C 117 -17.34 6.10 7.75
C ILE C 117 -18.42 6.97 8.37
N PHE C 118 -19.32 7.53 7.54
CA PHE C 118 -20.39 8.33 8.07
C PHE C 118 -21.39 7.54 8.90
N LEU C 119 -21.65 6.28 8.53
CA LEU C 119 -22.52 5.44 9.31
C LEU C 119 -21.93 5.14 10.68
N GLU C 120 -20.62 4.93 10.74
CA GLU C 120 -19.98 4.66 12.03
C GLU C 120 -19.91 5.89 12.90
N VAL C 121 -19.71 7.06 12.30
CA VAL C 121 -19.79 8.31 13.05
C VAL C 121 -21.20 8.50 13.65
N GLU C 122 -22.24 8.29 12.85
CA GLU C 122 -23.61 8.32 13.32
C GLU C 122 -23.84 7.45 14.53
N GLU C 123 -23.50 6.17 14.44
CA GLU C 123 -23.72 5.28 15.57
C GLU C 123 -22.94 5.69 16.86
N SER C 124 -21.77 6.28 16.69
CA SER C 124 -20.94 6.73 17.81
C SER C 124 -21.66 7.78 18.71
N ILE C 125 -22.50 8.63 18.09
CA ILE C 125 -23.23 9.65 18.83
C ILE C 125 -24.04 9.01 19.97
N THR C 126 -24.63 7.85 19.73
CA THR C 126 -25.57 7.28 20.68
C THR C 126 -24.99 6.14 21.53
N LYS C 127 -23.71 5.82 21.36
CA LYS C 127 -23.12 4.66 22.06
C LYS C 127 -23.30 4.73 23.58
N GLY C 128 -23.18 5.91 24.17
CA GLY C 128 -23.36 6.10 25.60
C GLY C 128 -24.77 6.49 26.04
N LEU C 129 -25.76 6.35 25.16
CA LEU C 129 -27.11 6.73 25.47
C LEU C 129 -28.06 5.54 25.59
N THR C 130 -28.88 5.54 26.64
CA THR C 130 -29.98 4.60 26.70
C THR C 130 -30.97 4.84 25.55
N LYS C 131 -31.83 3.86 25.32
CA LYS C 131 -32.89 3.96 24.34
C LYS C 131 -33.77 5.17 24.59
N ASP C 132 -34.13 5.40 25.85
CA ASP C 132 -34.97 6.55 26.24
C ASP C 132 -34.24 7.84 25.89
N GLU C 133 -32.96 7.91 26.22
CA GLU C 133 -32.15 9.08 25.89
C GLU C 133 -32.07 9.31 24.39
N GLN C 134 -31.92 8.24 23.62
CA GLN C 134 -31.88 8.34 22.18
C GLN C 134 -33.17 8.92 21.62
N LYS C 135 -34.30 8.47 22.14
CA LYS C 135 -35.61 9.01 21.71
C LYS C 135 -35.76 10.49 22.12
N GLN C 136 -35.36 10.81 23.34
CA GLN C 136 -35.42 12.20 23.83
C GLN C 136 -34.53 13.07 22.95
N LEU C 137 -33.30 12.62 22.69
CA LEU C 137 -32.38 13.41 21.88
C LEU C 137 -32.94 13.65 20.49
N MSE C 138 -33.52 12.64 19.85
CA MSE C 138 -33.98 12.77 18.49
C MSE C 138 -35.13 13.78 18.49
O MSE C 138 -35.19 14.65 17.64
CB MSE C 138 -34.47 11.43 17.91
CG MSE C 138 -35.01 11.54 16.47
SE MSE C 138 -33.63 12.22 15.22
CE MSE C 138 -32.46 10.72 15.36
N SER C 139 -36.06 13.62 19.44
CA SER C 139 -37.24 14.51 19.54
C SER C 139 -36.84 15.97 19.76
N ILE C 140 -35.89 16.16 20.66
CA ILE C 140 -35.46 17.49 21.01
C ILE C 140 -34.69 18.19 19.88
N LEU C 141 -33.76 17.47 19.24
CA LEU C 141 -33.00 18.06 18.16
C LEU C 141 -33.89 18.45 17.00
N ILE C 142 -34.93 17.66 16.74
CA ILE C 142 -35.93 17.99 15.70
C ILE C 142 -36.59 19.33 16.03
N LYS C 143 -37.05 19.47 17.26
CA LYS C 143 -37.67 20.70 17.75
C LYS C 143 -36.72 21.90 17.69
N VAL C 144 -35.46 21.72 18.11
CA VAL C 144 -34.49 22.84 18.06
C VAL C 144 -34.22 23.27 16.61
N ASN C 145 -33.92 22.31 15.75
CA ASN C 145 -33.65 22.60 14.34
C ASN C 145 -34.84 23.26 13.61
N ARG C 146 -36.04 22.82 13.92
CA ARG C 146 -37.24 23.39 13.32
C ARG C 146 -37.48 24.84 13.77
N SER C 147 -37.09 25.14 15.02
CA SER C 147 -37.32 26.45 15.63
C SER C 147 -36.40 27.56 15.14
N MSE C 148 -35.48 27.25 14.24
CA MSE C 148 -34.49 28.25 13.82
C MSE C 148 -34.06 28.07 12.37
O MSE C 148 -34.51 27.15 11.68
OXT MSE C 148 -33.22 28.80 11.87
CB MSE C 148 -33.24 28.19 14.73
CG MSE C 148 -32.43 26.92 14.68
SE MSE C 148 -30.70 26.96 15.67
CE MSE C 148 -31.41 27.39 17.38
K K D . -9.82 -7.97 -15.86
C1 GOL E . 18.02 -32.85 14.32
O1 GOL E . 17.23 -32.83 15.50
C2 GOL E . 17.13 -33.01 13.10
O2 GOL E . 15.83 -32.50 13.36
C3 GOL E . 17.77 -32.30 11.88
O3 GOL E . 18.82 -33.05 11.28
N1 IMD F . -6.41 3.13 0.90
C2 IMD F . -5.34 3.72 0.30
N3 IMD F . -5.63 3.99 -1.03
C4 IMD F . -6.91 3.55 -1.26
C5 IMD F . -7.41 3.04 -0.03
C1 GOL G . -24.33 8.16 4.72
O1 GOL G . -23.68 6.93 4.47
C2 GOL G . -23.95 9.25 3.71
O2 GOL G . -22.81 8.90 2.99
C3 GOL G . -23.72 10.58 4.43
O3 GOL G . -23.17 11.53 3.53
#